data_9GPC
#
_entry.id   9GPC
#
_cell.length_a   95.499
_cell.length_b   99.128
_cell.length_c   154.563
_cell.angle_alpha   90.000
_cell.angle_beta   90.000
_cell.angle_gamma   90.000
#
_symmetry.space_group_name_H-M   'I 2 2 2'
#
loop_
_entity.id
_entity.type
_entity.pdbx_description
1 polymer 'DUF5060 domain-containing protein'
2 non-polymer GLYCEROL
3 water water
#
_entity_poly.entity_id   1
_entity_poly.type   'polypeptide(L)'
_entity_poly.pdbx_seq_one_letter_code
;ESRYKDNRPLNILGIDISKMELGRYNLFEVSIFLQGSYLNPFDPQEIDVEGIFEDQYGNQYRVPGFFYQEYKRELKNDYE
YLVPVGDPYFKIRFSPINIGSYKFFIKVKDKTGREVSSDKYTIYVKESEKPGYIRVSEKNWRYFKFDNGRQFLPIGANIC
WATSKGTYDYDVWLPKCAENGGNYFRVWLGPSWATFALERESVKEYDLKNAWKLDYVLNLAEKLNMYIMFCFDSYNELRY
QKEGAYPYWEHTPHYEKNGGPLKEPKDFWTNNEMIKYYKNKLRYIVARYGYSTNVFAWEFWNQVDIISPTAFVIGEVKKW
HEDMAKYLNSIDPWKHLITTSFAFSPGKPEIDSISGLNFVQTHIYKSNRYIDALLSLIAYKEKYRKPHLVGEFGLDAGGN
DLWVDPNGYVIHNAIWTTILSGASGTAMSWWWDNHIHPNNLYFHYRALADFVKDINFLEEKFERLTNYKFNVYNREIKVI
GLQGKKYILLWLYNAKEAYQYKKDIPNMDSSKFLGSIELLIKPPIKVIYYDTYRGEKIKELDLDKNVIPIIEFERDLAIK
IELLGEGE
;
_entity_poly.pdbx_strand_id   A
#
loop_
_chem_comp.id
_chem_comp.type
_chem_comp.name
_chem_comp.formula
GOL non-polymer GLYCEROL 'C3 H8 O3'
#
# COMPACT_ATOMS: atom_id res chain seq x y z
N SER A 2 9.91 -24.64 20.25
CA SER A 2 8.49 -24.99 20.11
C SER A 2 7.67 -24.70 21.38
N ARG A 3 7.54 -23.42 21.73
CA ARG A 3 6.89 -23.06 22.99
C ARG A 3 5.40 -23.35 23.01
N TYR A 4 4.77 -23.51 21.84
CA TYR A 4 3.32 -23.68 21.73
C TYR A 4 2.92 -25.12 21.40
N LYS A 5 3.82 -26.05 21.60
CA LYS A 5 3.57 -27.44 21.32
C LYS A 5 2.38 -27.97 22.12
N ASP A 6 1.77 -29.03 21.58
CA ASP A 6 0.69 -29.76 22.25
C ASP A 6 0.86 -31.23 21.91
N ASN A 7 0.43 -32.09 22.83
CA ASN A 7 0.65 -33.53 22.71
C ASN A 7 -0.58 -34.31 23.16
N ARG A 8 -1.77 -33.87 22.78
CA ARG A 8 -3.01 -34.49 23.20
C ARG A 8 -3.79 -34.96 21.98
N PRO A 9 -4.75 -35.88 22.15
CA PRO A 9 -5.54 -36.32 20.99
C PRO A 9 -6.36 -35.16 20.46
N LEU A 10 -6.40 -35.06 19.14
CA LEU A 10 -7.04 -33.92 18.48
C LEU A 10 -8.53 -33.86 18.82
N ASN A 11 -8.97 -32.72 19.32
CA ASN A 11 -10.38 -32.52 19.60
C ASN A 11 -10.67 -31.02 19.59
N ILE A 12 -11.84 -30.66 19.05
CA ILE A 12 -12.36 -29.31 19.21
C ILE A 12 -12.99 -29.21 20.59
N LEU A 13 -12.63 -28.18 21.34
CA LEU A 13 -13.16 -27.97 22.68
C LEU A 13 -14.17 -26.83 22.75
N GLY A 14 -14.13 -25.89 21.83
CA GLY A 14 -15.11 -24.81 21.81
C GLY A 14 -15.04 -24.04 20.52
N ILE A 15 -16.16 -23.43 20.13
CA ILE A 15 -16.20 -22.52 18.99
C ILE A 15 -17.05 -21.33 19.39
N ASP A 16 -16.51 -20.12 19.20
CA ASP A 16 -17.29 -18.90 19.35
C ASP A 16 -17.44 -18.22 17.99
N ILE A 17 -18.60 -17.65 17.72
CA ILE A 17 -18.88 -16.96 16.46
C ILE A 17 -19.16 -15.50 16.74
N SER A 18 -18.57 -14.61 15.93
CA SER A 18 -18.63 -13.18 16.24
C SER A 18 -20.06 -12.63 16.13
N LYS A 19 -20.74 -12.93 15.02
CA LYS A 19 -22.02 -12.38 14.65
C LYS A 19 -22.66 -13.45 13.80
N MET A 20 -23.99 -13.47 13.81
CA MET A 20 -24.69 -14.36 12.89
C MET A 20 -25.23 -13.62 11.67
N GLU A 21 -25.26 -12.30 11.74
CA GLU A 21 -25.67 -11.44 10.63
C GLU A 21 -24.67 -10.32 10.50
N LEU A 22 -24.30 -10.01 9.26
CA LEU A 22 -23.28 -9.01 8.99
C LEU A 22 -23.46 -8.49 7.57
N GLY A 23 -22.71 -7.47 7.23
CA GLY A 23 -22.82 -6.82 5.95
C GLY A 23 -21.79 -7.32 4.96
N ARG A 24 -22.10 -7.08 3.69
CA ARG A 24 -21.18 -7.43 2.60
C ARG A 24 -19.79 -6.86 2.86
N TYR A 25 -18.77 -7.69 2.66
CA TYR A 25 -17.37 -7.33 2.82
C TYR A 25 -16.95 -7.05 4.26
N ASN A 26 -17.82 -7.32 5.23
CA ASN A 26 -17.46 -7.12 6.63
C ASN A 26 -16.82 -8.40 7.19
N LEU A 27 -16.10 -8.24 8.30
CA LEU A 27 -15.43 -9.36 8.95
C LEU A 27 -16.39 -10.25 9.70
N PHE A 28 -16.29 -11.56 9.42
CA PHE A 28 -16.90 -12.63 10.20
C PHE A 28 -15.78 -13.45 10.82
N GLU A 29 -15.76 -13.51 12.16
CA GLU A 29 -14.64 -14.12 12.87
C GLU A 29 -15.11 -15.28 13.73
N VAL A 30 -14.40 -16.40 13.61
CA VAL A 30 -14.66 -17.62 14.37
C VAL A 30 -13.47 -17.86 15.27
N SER A 31 -13.73 -18.16 16.53
CA SER A 31 -12.67 -18.56 17.47
C SER A 31 -12.82 -20.05 17.76
N ILE A 32 -11.71 -20.78 17.70
CA ILE A 32 -11.68 -22.23 17.87
C ILE A 32 -10.69 -22.57 18.97
N PHE A 33 -11.19 -23.24 19.99
CA PHE A 33 -10.39 -23.77 21.09
C PHE A 33 -10.24 -25.26 20.86
N LEU A 34 -8.99 -25.73 20.89
CA LEU A 34 -8.77 -27.12 20.54
C LEU A 34 -7.57 -27.66 21.30
N GLN A 35 -7.45 -28.98 21.30
CA GLN A 35 -6.25 -29.65 21.74
C GLN A 35 -5.83 -30.59 20.63
N GLY A 36 -4.53 -30.88 20.56
CA GLY A 36 -4.03 -31.76 19.53
C GLY A 36 -2.56 -32.04 19.70
N SER A 37 -1.98 -32.63 18.66
CA SER A 37 -0.57 -33.03 18.66
C SER A 37 0.13 -32.27 17.54
N TYR A 38 0.98 -31.32 17.93
CA TYR A 38 1.68 -30.47 16.98
C TYR A 38 2.81 -29.78 17.71
N LEU A 39 3.91 -29.55 16.99
CA LEU A 39 5.05 -28.84 17.55
C LEU A 39 5.03 -27.36 17.24
N ASN A 40 4.31 -26.95 16.21
CA ASN A 40 4.42 -25.60 15.68
C ASN A 40 3.04 -25.25 15.12
N PRO A 41 2.26 -24.40 15.81
CA PRO A 41 0.93 -24.06 15.32
C PRO A 41 0.94 -23.19 14.08
N PHE A 42 2.12 -22.72 13.63
CA PHE A 42 2.26 -21.91 12.42
C PHE A 42 2.56 -22.76 11.20
N ASP A 43 2.69 -24.07 11.36
CA ASP A 43 3.07 -24.99 10.28
C ASP A 43 1.89 -25.90 9.96
N PRO A 44 1.29 -25.81 8.76
CA PRO A 44 0.13 -26.65 8.45
C PRO A 44 0.43 -28.14 8.44
N GLN A 45 1.70 -28.55 8.32
CA GLN A 45 2.04 -29.97 8.39
C GLN A 45 1.97 -30.49 9.80
N GLU A 46 1.98 -29.60 10.80
CA GLU A 46 1.84 -29.96 12.21
C GLU A 46 0.39 -29.86 12.65
N ILE A 47 -0.29 -28.78 12.29
CA ILE A 47 -1.73 -28.63 12.52
C ILE A 47 -2.31 -27.72 11.44
N ASP A 48 -3.42 -28.17 10.83
CA ASP A 48 -4.07 -27.45 9.72
C ASP A 48 -5.53 -27.24 10.11
N VAL A 49 -5.86 -26.00 10.44
CA VAL A 49 -7.24 -25.56 10.68
C VAL A 49 -7.75 -24.87 9.41
N GLU A 50 -8.98 -25.19 9.01
CA GLU A 50 -9.59 -24.58 7.83
C GLU A 50 -11.06 -24.33 8.09
N GLY A 51 -11.56 -23.25 7.52
CA GLY A 51 -12.99 -22.96 7.46
C GLY A 51 -13.47 -23.08 6.05
N ILE A 52 -14.53 -23.86 5.83
CA ILE A 52 -15.06 -24.11 4.50
C ILE A 52 -16.41 -23.41 4.43
N PHE A 53 -16.49 -22.38 3.57
CA PHE A 53 -17.67 -21.53 3.44
C PHE A 53 -18.29 -21.72 2.07
N GLU A 54 -19.63 -21.65 2.01
CA GLU A 54 -20.33 -21.76 0.73
C GLU A 54 -21.51 -20.79 0.74
N ASP A 55 -21.60 -19.99 -0.33
CA ASP A 55 -22.73 -19.06 -0.47
C ASP A 55 -23.92 -19.79 -1.08
N GLN A 56 -25.02 -19.07 -1.22
CA GLN A 56 -26.24 -19.70 -1.71
C GLN A 56 -26.21 -19.92 -3.22
N TYR A 57 -25.16 -19.49 -3.90
CA TYR A 57 -24.95 -19.73 -5.32
C TYR A 57 -24.02 -20.91 -5.58
N GLY A 58 -23.51 -21.54 -4.52
CA GLY A 58 -22.61 -22.66 -4.65
C GLY A 58 -21.13 -22.34 -4.66
N ASN A 59 -20.75 -21.06 -4.58
CA ASN A 59 -19.33 -20.71 -4.53
C ASN A 59 -18.76 -21.09 -3.19
N GLN A 60 -17.56 -21.67 -3.20
CA GLN A 60 -16.92 -22.15 -1.99
C GLN A 60 -15.61 -21.43 -1.73
N TYR A 61 -15.33 -21.22 -0.44
CA TYR A 61 -14.13 -20.53 0.02
C TYR A 61 -13.46 -21.41 1.05
N ARG A 62 -12.18 -21.66 0.86
CA ARG A 62 -11.35 -22.45 1.76
C ARG A 62 -10.45 -21.46 2.45
N VAL A 63 -10.69 -21.23 3.74
CA VAL A 63 -10.01 -20.18 4.48
C VAL A 63 -9.08 -20.82 5.50
N PRO A 64 -7.79 -20.63 5.41
CA PRO A 64 -6.90 -21.20 6.44
C PRO A 64 -7.07 -20.48 7.77
N GLY A 65 -6.97 -21.25 8.85
CA GLY A 65 -7.01 -20.68 10.18
C GLY A 65 -5.65 -20.39 10.71
N PHE A 66 -5.59 -19.58 11.78
CA PHE A 66 -4.32 -19.11 12.29
C PHE A 66 -4.29 -19.06 13.82
N PHE A 67 -3.09 -19.22 14.36
CA PHE A 67 -2.86 -19.16 15.79
C PHE A 67 -2.86 -17.71 16.26
N TYR A 68 -3.48 -17.48 17.41
CA TYR A 68 -3.76 -16.14 17.91
C TYR A 68 -3.58 -16.06 19.42
N GLN A 69 -2.99 -14.96 19.88
CA GLN A 69 -2.97 -14.60 21.30
C GLN A 69 -3.61 -13.24 21.46
N GLU A 70 -4.57 -13.13 22.37
CA GLU A 70 -5.14 -11.84 22.75
C GLU A 70 -4.18 -11.07 23.64
N TYR A 71 -4.14 -9.75 23.43
CA TYR A 71 -3.36 -8.85 24.27
C TYR A 71 -4.23 -7.66 24.65
N LYS A 72 -3.86 -7.03 25.76
CA LYS A 72 -4.35 -5.70 26.11
C LYS A 72 -3.18 -4.72 26.11
N ARG A 73 -3.29 -3.66 25.33
CA ARG A 73 -2.19 -2.71 25.20
C ARG A 73 -2.23 -1.68 26.33
N GLU A 74 -1.04 -1.20 26.67
CA GLU A 74 -0.92 -0.03 27.54
C GLU A 74 0.31 0.73 27.10
N LEU A 75 0.43 1.95 27.61
CA LEU A 75 1.63 2.75 27.41
C LEU A 75 2.38 2.81 28.74
N LYS A 76 3.64 2.39 28.71
CA LYS A 76 4.56 2.55 29.85
C LYS A 76 5.48 3.71 29.47
N ASN A 77 5.12 4.91 29.92
CA ASN A 77 5.81 6.15 29.55
C ASN A 77 5.89 6.30 28.04
N ASP A 78 6.99 5.92 27.42
CA ASP A 78 7.17 6.18 25.99
C ASP A 78 7.19 4.91 25.17
N TYR A 79 6.71 3.79 25.71
CA TYR A 79 6.67 2.57 24.92
C TYR A 79 5.38 1.79 25.17
N GLU A 80 4.88 1.22 24.09
CA GLU A 80 3.76 0.29 24.16
C GLU A 80 4.18 -1.04 24.77
N TYR A 81 3.32 -1.57 25.64
CA TYR A 81 3.51 -2.86 26.27
C TYR A 81 2.21 -3.64 26.13
N LEU A 82 2.32 -4.91 25.72
CA LEU A 82 1.16 -5.77 25.51
C LEU A 82 1.12 -6.86 26.58
N VAL A 83 0.02 -6.92 27.31
CA VAL A 83 -0.20 -7.92 28.36
C VAL A 83 -1.02 -9.06 27.76
N PRO A 84 -0.57 -10.30 27.84
CA PRO A 84 -1.38 -11.39 27.29
C PRO A 84 -2.65 -11.60 28.11
N VAL A 85 -3.73 -11.90 27.40
CA VAL A 85 -5.04 -12.15 28.00
C VAL A 85 -5.47 -13.55 27.57
N GLY A 86 -5.58 -14.47 28.53
CA GLY A 86 -6.04 -15.80 28.22
C GLY A 86 -5.00 -16.65 27.51
N ASP A 87 -5.36 -17.91 27.32
CA ASP A 87 -4.52 -18.81 26.55
C ASP A 87 -4.65 -18.48 25.05
N PRO A 88 -3.64 -18.79 24.26
CA PRO A 88 -3.79 -18.66 22.81
C PRO A 88 -4.73 -19.72 22.25
N TYR A 89 -5.22 -19.46 21.04
CA TYR A 89 -6.19 -20.33 20.38
C TYR A 89 -6.13 -20.04 18.88
N PHE A 90 -7.06 -20.61 18.12
CA PHE A 90 -7.08 -20.46 16.67
C PHE A 90 -8.29 -19.66 16.21
N LYS A 91 -8.11 -18.95 15.11
CA LYS A 91 -9.18 -18.13 14.54
C LYS A 91 -9.30 -18.38 13.05
N ILE A 92 -10.51 -18.14 12.55
CA ILE A 92 -10.82 -18.01 11.14
C ILE A 92 -11.43 -16.63 10.94
N ARG A 93 -10.94 -15.91 9.92
CA ARG A 93 -11.46 -14.61 9.53
C ARG A 93 -11.94 -14.65 8.08
N PHE A 94 -13.22 -14.38 7.88
CA PHE A 94 -13.88 -14.50 6.58
C PHE A 94 -14.54 -13.17 6.25
N SER A 95 -14.73 -12.91 4.95
CA SER A 95 -15.46 -11.74 4.46
C SER A 95 -16.32 -12.20 3.30
N PRO A 96 -17.63 -11.99 3.37
CA PRO A 96 -18.54 -12.42 2.30
C PRO A 96 -18.58 -11.39 1.18
N ILE A 97 -18.41 -11.87 -0.06
CA ILE A 97 -18.52 -10.99 -1.21
C ILE A 97 -19.94 -10.93 -1.77
N ASN A 98 -20.76 -11.94 -1.50
CA ASN A 98 -22.16 -11.92 -1.91
C ASN A 98 -23.03 -11.74 -0.68
N ILE A 99 -24.24 -11.24 -0.91
CA ILE A 99 -25.25 -11.18 0.15
C ILE A 99 -26.06 -12.47 0.14
N GLY A 100 -26.87 -12.66 1.16
CA GLY A 100 -27.65 -13.88 1.31
C GLY A 100 -27.07 -14.78 2.37
N SER A 101 -27.47 -16.06 2.31
CA SER A 101 -27.04 -17.00 3.32
C SER A 101 -25.73 -17.68 2.93
N TYR A 102 -24.95 -18.04 3.94
CA TYR A 102 -23.75 -18.85 3.79
C TYR A 102 -23.84 -19.97 4.81
N LYS A 103 -23.31 -21.14 4.46
CA LYS A 103 -23.09 -22.21 5.42
C LYS A 103 -21.59 -22.44 5.55
N PHE A 104 -21.15 -22.83 6.74
CA PHE A 104 -19.75 -23.11 6.93
C PHE A 104 -19.56 -24.15 8.03
N PHE A 105 -18.39 -24.78 7.97
CA PHE A 105 -17.94 -25.68 9.03
C PHE A 105 -16.43 -25.57 9.14
N ILE A 106 -15.91 -26.08 10.26
CA ILE A 106 -14.50 -26.05 10.60
C ILE A 106 -13.98 -27.46 10.44
N LYS A 107 -12.79 -27.57 9.88
CA LYS A 107 -12.06 -28.82 9.84
C LYS A 107 -10.68 -28.64 10.48
N VAL A 108 -10.19 -29.68 11.14
CA VAL A 108 -8.85 -29.66 11.72
C VAL A 108 -8.17 -30.99 11.51
N LYS A 109 -6.90 -30.97 11.11
CA LYS A 109 -6.05 -32.15 10.99
C LYS A 109 -4.72 -31.88 11.66
N ASP A 110 -4.19 -32.85 12.40
CA ASP A 110 -2.87 -32.70 13.02
C ASP A 110 -1.90 -33.72 12.44
N LYS A 111 -0.67 -33.68 12.96
CA LYS A 111 0.41 -34.47 12.38
C LYS A 111 0.18 -35.96 12.48
N THR A 112 -0.74 -36.39 13.36
CA THR A 112 -1.03 -37.82 13.46
C THR A 112 -1.89 -38.31 12.31
N GLY A 113 -2.46 -37.41 11.52
CA GLY A 113 -3.41 -37.79 10.51
C GLY A 113 -4.84 -37.73 10.97
N ARG A 114 -5.06 -37.66 12.28
CA ARG A 114 -6.42 -37.59 12.78
C ARG A 114 -7.09 -36.32 12.30
N GLU A 115 -8.40 -36.40 12.06
CA GLU A 115 -9.19 -35.27 11.59
C GLU A 115 -10.47 -35.16 12.41
N VAL A 116 -10.85 -33.92 12.74
CA VAL A 116 -12.11 -33.65 13.40
C VAL A 116 -12.77 -32.48 12.67
N SER A 117 -14.03 -32.26 12.95
CA SER A 117 -14.73 -31.17 12.32
C SER A 117 -15.91 -30.75 13.18
N SER A 118 -16.48 -29.60 12.84
CA SER A 118 -17.70 -29.11 13.44
C SER A 118 -18.89 -29.38 12.55
N ASP A 119 -20.04 -29.25 13.23
CA ASP A 119 -21.33 -29.22 12.54
C ASP A 119 -21.30 -28.03 11.59
N LYS A 120 -22.33 -27.95 10.78
CA LYS A 120 -22.50 -26.85 9.85
C LYS A 120 -23.28 -25.74 10.54
N TYR A 121 -22.88 -24.49 10.27
CA TYR A 121 -23.49 -23.29 10.82
C TYR A 121 -23.94 -22.41 9.65
N THR A 122 -24.97 -21.61 9.89
CA THR A 122 -25.53 -20.73 8.89
C THR A 122 -25.42 -19.29 9.35
N ILE A 123 -25.01 -18.42 8.43
CA ILE A 123 -24.96 -16.99 8.67
C ILE A 123 -25.67 -16.28 7.53
N TYR A 124 -26.06 -15.03 7.78
CA TYR A 124 -26.82 -14.25 6.82
C TYR A 124 -26.13 -12.92 6.58
N VAL A 125 -26.02 -12.54 5.32
CA VAL A 125 -25.28 -11.37 4.90
C VAL A 125 -26.24 -10.40 4.22
N LYS A 126 -26.24 -9.15 4.67
CA LYS A 126 -27.05 -8.09 4.10
C LYS A 126 -26.16 -7.10 3.36
N GLU A 127 -26.77 -6.28 2.52
CA GLU A 127 -26.01 -5.29 1.79
C GLU A 127 -25.34 -4.30 2.75
N SER A 128 -24.22 -3.74 2.30
CA SER A 128 -23.49 -2.75 3.08
C SER A 128 -23.01 -1.65 2.14
N GLU A 129 -22.36 -0.67 2.74
CA GLU A 129 -21.79 0.46 2.03
C GLU A 129 -20.40 0.17 1.47
N LYS A 130 -19.80 -0.96 1.82
CA LYS A 130 -18.41 -1.16 1.47
C LYS A 130 -18.27 -1.40 -0.04
N PRO A 131 -17.29 -0.76 -0.68
CA PRO A 131 -17.11 -0.89 -2.14
C PRO A 131 -16.44 -2.17 -2.59
N GLY A 132 -15.83 -2.90 -1.69
CA GLY A 132 -15.18 -4.16 -2.00
C GLY A 132 -13.67 -4.05 -2.04
N TYR A 133 -13.05 -5.07 -2.65
CA TYR A 133 -11.59 -5.15 -2.77
C TYR A 133 -11.08 -4.30 -3.93
N ILE A 134 -9.80 -3.96 -3.85
CA ILE A 134 -9.15 -3.12 -4.87
C ILE A 134 -8.54 -4.00 -5.95
N ARG A 135 -8.84 -3.67 -7.20
CA ARG A 135 -8.47 -4.41 -8.39
C ARG A 135 -7.87 -3.44 -9.41
N VAL A 136 -7.27 -3.98 -10.49
CA VAL A 136 -6.89 -3.15 -11.63
C VAL A 136 -8.15 -2.83 -12.42
N SER A 137 -8.27 -1.58 -12.86
CA SER A 137 -9.38 -1.18 -13.73
C SER A 137 -9.30 -1.83 -15.10
N GLU A 138 -10.42 -2.41 -15.53
CA GLU A 138 -10.53 -2.92 -16.90
C GLU A 138 -10.78 -1.81 -17.91
N LYS A 139 -11.16 -0.61 -17.45
CA LYS A 139 -11.43 0.49 -18.36
C LYS A 139 -10.19 1.29 -18.72
N ASN A 140 -9.25 1.44 -17.78
CA ASN A 140 -7.98 2.12 -18.02
C ASN A 140 -6.94 1.46 -17.13
N TRP A 141 -6.00 0.72 -17.75
CA TRP A 141 -5.02 -0.07 -17.02
C TRP A 141 -4.07 0.78 -16.21
N ARG A 142 -4.14 2.11 -16.33
CA ARG A 142 -3.30 2.95 -15.50
C ARG A 142 -3.81 3.07 -14.07
N TYR A 143 -5.05 2.64 -13.81
CA TYR A 143 -5.70 2.95 -12.55
C TYR A 143 -6.28 1.71 -11.88
N PHE A 144 -6.57 1.89 -10.58
CA PHE A 144 -7.23 0.91 -9.73
C PHE A 144 -8.70 1.25 -9.55
N LYS A 145 -9.50 0.23 -9.24
CA LYS A 145 -10.92 0.37 -8.92
C LYS A 145 -11.22 -0.49 -7.71
N PHE A 146 -12.39 -0.25 -7.12
CA PHE A 146 -12.96 -1.19 -6.18
C PHE A 146 -13.86 -2.15 -6.96
N ASP A 147 -14.22 -3.27 -6.31
CA ASP A 147 -15.13 -4.23 -6.93
C ASP A 147 -16.42 -3.59 -7.44
N ASN A 148 -16.95 -2.59 -6.71
CA ASN A 148 -18.19 -1.96 -7.11
C ASN A 148 -18.07 -1.04 -8.31
N GLY A 149 -16.85 -0.88 -8.85
CA GLY A 149 -16.59 -0.09 -10.04
C GLY A 149 -16.10 1.32 -9.78
N ARG A 150 -16.20 1.82 -8.57
CA ARG A 150 -15.66 3.16 -8.27
C ARG A 150 -14.13 3.14 -8.29
N GLN A 151 -13.55 4.27 -8.65
CA GLN A 151 -12.09 4.36 -8.70
C GLN A 151 -11.48 4.32 -7.30
N PHE A 152 -10.24 3.80 -7.24
CA PHE A 152 -9.36 3.96 -6.09
C PHE A 152 -8.11 4.68 -6.55
N LEU A 153 -8.00 5.96 -6.18
CA LEU A 153 -6.82 6.77 -6.47
C LEU A 153 -6.04 6.90 -5.17
N PRO A 154 -4.93 6.18 -5.00
CA PRO A 154 -4.22 6.27 -3.72
C PRO A 154 -3.60 7.64 -3.51
N ILE A 155 -3.94 8.24 -2.38
CA ILE A 155 -3.42 9.50 -1.89
C ILE A 155 -2.97 9.24 -0.46
N GLY A 156 -1.68 9.41 -0.21
CA GLY A 156 -1.17 9.18 1.13
C GLY A 156 0.33 9.28 1.16
N ALA A 157 0.93 8.45 2.00
CA ALA A 157 2.37 8.39 2.17
C ALA A 157 2.77 7.05 2.76
N ASN A 158 4.07 6.81 2.74
CA ASN A 158 4.62 5.73 3.55
C ASN A 158 4.39 6.05 5.02
N ILE A 159 3.96 5.05 5.80
CA ILE A 159 3.87 5.17 7.26
C ILE A 159 4.31 3.83 7.83
N CYS A 160 5.60 3.50 7.63
CA CYS A 160 5.97 2.09 7.54
C CYS A 160 6.22 1.43 8.89
N TRP A 161 6.55 2.21 9.90
CA TRP A 161 6.74 1.71 11.27
C TRP A 161 6.53 2.86 12.24
N ALA A 162 6.32 2.51 13.50
CA ALA A 162 6.17 3.47 14.58
C ALA A 162 7.45 3.58 15.43
N THR A 163 7.45 4.54 16.34
CA THR A 163 8.43 4.61 17.41
C THR A 163 8.15 3.49 18.41
N SER A 164 8.82 3.52 19.55
CA SER A 164 8.49 2.56 20.59
C SER A 164 7.05 2.67 21.06
N LYS A 165 6.36 3.80 20.80
CA LYS A 165 4.95 3.94 21.13
CA LYS A 165 4.95 3.93 21.14
C LYS A 165 4.04 3.02 20.32
N GLY A 166 4.51 2.45 19.22
CA GLY A 166 3.76 1.39 18.52
C GLY A 166 2.43 1.87 17.97
N THR A 167 1.39 1.12 18.29
CA THR A 167 0.07 1.44 17.79
C THR A 167 -0.39 2.83 18.20
N TYR A 168 0.10 3.35 19.34
CA TYR A 168 -0.29 4.68 19.79
C TYR A 168 0.15 5.77 18.81
N ASP A 169 1.20 5.54 18.01
CA ASP A 169 1.57 6.50 17.00
C ASP A 169 0.57 6.50 15.83
N TYR A 170 0.10 5.32 15.42
CA TYR A 170 -0.91 5.23 14.36
C TYR A 170 -2.22 5.87 14.79
N ASP A 171 -2.53 5.85 16.10
CA ASP A 171 -3.70 6.57 16.62
C ASP A 171 -3.64 8.05 16.30
N VAL A 172 -2.44 8.62 16.17
CA VAL A 172 -2.25 10.04 15.89
C VAL A 172 -2.10 10.29 14.40
N TRP A 173 -1.24 9.52 13.73
CA TRP A 173 -0.94 9.80 12.34
C TRP A 173 -2.14 9.50 11.43
N LEU A 174 -2.83 8.36 11.65
CA LEU A 174 -3.84 7.97 10.67
C LEU A 174 -5.03 8.90 10.61
N PRO A 175 -5.64 9.32 11.72
CA PRO A 175 -6.76 10.27 11.62
C PRO A 175 -6.38 11.57 10.94
N LYS A 176 -5.18 12.08 11.22
CA LYS A 176 -4.74 13.31 10.55
C LYS A 176 -4.63 13.09 9.04
N CYS A 177 -4.06 11.98 8.62
CA CYS A 177 -3.97 11.68 7.19
C CYS A 177 -5.37 11.59 6.58
N ALA A 178 -6.26 10.84 7.22
CA ALA A 178 -7.58 10.58 6.65
C ALA A 178 -8.41 11.84 6.56
N GLU A 179 -8.29 12.75 7.54
CA GLU A 179 -9.08 13.97 7.51
C GLU A 179 -8.62 14.95 6.45
N ASN A 180 -7.47 14.70 5.85
CA ASN A 180 -6.85 15.54 4.83
C ASN A 180 -6.75 14.81 3.49
N GLY A 181 -7.72 13.92 3.22
CA GLY A 181 -7.85 13.29 1.92
C GLY A 181 -7.04 12.04 1.73
N GLY A 182 -6.35 11.58 2.77
CA GLY A 182 -5.52 10.39 2.66
C GLY A 182 -6.34 9.12 2.75
N ASN A 183 -6.11 8.22 1.81
CA ASN A 183 -6.75 6.91 1.80
C ASN A 183 -5.76 5.75 1.65
N TYR A 184 -4.46 6.01 1.83
CA TYR A 184 -3.43 5.04 1.54
C TYR A 184 -2.26 5.18 2.49
N PHE A 185 -1.71 4.03 2.92
CA PHE A 185 -0.37 3.99 3.50
C PHE A 185 0.25 2.62 3.29
N ARG A 186 1.54 2.51 3.62
CA ARG A 186 2.32 1.29 3.46
C ARG A 186 2.95 0.98 4.79
N VAL A 187 2.92 -0.30 5.21
CA VAL A 187 3.59 -0.77 6.42
C VAL A 187 4.56 -1.89 6.09
N TRP A 188 5.55 -2.06 6.96
CA TRP A 188 6.56 -3.11 6.80
C TRP A 188 6.36 -4.24 7.81
N LEU A 189 6.45 -5.47 7.33
CA LEU A 189 6.35 -6.68 8.16
C LEU A 189 7.71 -7.34 8.35
N GLY A 190 8.77 -6.67 7.89
CA GLY A 190 10.16 -7.02 8.16
C GLY A 190 11.00 -5.78 7.93
N PRO A 191 12.28 -5.77 8.32
CA PRO A 191 13.04 -6.79 9.04
C PRO A 191 12.58 -6.95 10.48
N SER A 192 13.37 -7.69 11.27
CA SER A 192 12.87 -8.15 12.57
C SER A 192 12.61 -7.03 13.56
N TRP A 193 13.18 -5.84 13.34
CA TRP A 193 13.00 -4.71 14.23
C TRP A 193 11.72 -3.92 13.95
N ALA A 194 11.03 -4.25 12.86
CA ALA A 194 9.87 -3.47 12.44
C ALA A 194 8.71 -3.64 13.41
N THR A 195 7.85 -2.61 13.47
CA THR A 195 6.69 -2.66 14.35
C THR A 195 5.85 -3.91 14.14
N PHE A 196 5.63 -4.30 12.87
CA PHE A 196 4.77 -5.41 12.50
C PHE A 196 5.54 -6.66 12.10
N ALA A 197 6.78 -6.81 12.57
CA ALA A 197 7.61 -7.93 12.11
C ALA A 197 7.01 -9.26 12.56
N LEU A 198 6.68 -10.08 11.59
CA LEU A 198 6.18 -11.42 11.91
C LEU A 198 7.32 -12.37 12.20
N GLU A 199 8.39 -12.34 11.41
CA GLU A 199 9.61 -13.11 11.65
C GLU A 199 10.51 -12.26 12.55
N ARG A 200 10.24 -12.33 13.85
CA ARG A 200 11.00 -11.49 14.77
C ARG A 200 12.17 -12.26 15.37
N GLU A 201 11.91 -13.41 15.97
CA GLU A 201 12.94 -14.27 16.50
C GLU A 201 13.22 -15.49 15.65
N SER A 202 12.37 -15.80 14.69
CA SER A 202 12.42 -17.06 13.97
C SER A 202 11.81 -16.85 12.61
N VAL A 203 12.18 -17.69 11.63
CA VAL A 203 11.45 -17.76 10.37
C VAL A 203 10.47 -18.92 10.36
N LYS A 204 10.38 -19.71 11.44
CA LYS A 204 9.48 -20.85 11.50
C LYS A 204 8.21 -20.58 12.30
N GLU A 205 8.25 -19.60 13.20
CA GLU A 205 7.15 -19.21 14.07
C GLU A 205 7.05 -17.70 14.07
N TYR A 206 5.82 -17.19 14.18
CA TYR A 206 5.55 -15.77 13.92
C TYR A 206 5.19 -15.06 15.22
N ASP A 207 5.52 -13.77 15.29
CA ASP A 207 5.39 -13.00 16.52
C ASP A 207 3.95 -12.56 16.76
N LEU A 208 3.34 -13.10 17.81
CA LEU A 208 1.93 -12.87 18.06
C LEU A 208 1.65 -11.46 18.54
N LYS A 209 2.61 -10.82 19.23
CA LYS A 209 2.42 -9.43 19.65
C LYS A 209 2.42 -8.50 18.44
N ASN A 210 3.41 -8.65 17.55
CA ASN A 210 3.46 -7.80 16.36
C ASN A 210 2.26 -8.05 15.46
N ALA A 211 1.79 -9.29 15.35
CA ALA A 211 0.61 -9.58 14.54
C ALA A 211 -0.63 -8.90 15.11
N TRP A 212 -0.73 -8.85 16.43
CA TRP A 212 -1.81 -8.15 17.11
C TRP A 212 -1.75 -6.65 16.85
N LYS A 213 -0.55 -6.08 16.85
CA LYS A 213 -0.43 -4.67 16.50
C LYS A 213 -0.89 -4.40 15.08
N LEU A 214 -0.59 -5.31 14.14
CA LEU A 214 -1.04 -5.15 12.77
C LEU A 214 -2.56 -5.27 12.66
N ASP A 215 -3.17 -6.19 13.42
CA ASP A 215 -4.62 -6.23 13.50
C ASP A 215 -5.15 -4.86 13.91
N TYR A 216 -4.56 -4.27 14.95
CA TYR A 216 -5.03 -3.00 15.50
C TYR A 216 -5.00 -1.91 14.41
N VAL A 217 -3.89 -1.82 13.70
CA VAL A 217 -3.71 -0.78 12.69
C VAL A 217 -4.63 -1.03 11.51
N LEU A 218 -4.81 -2.29 11.11
CA LEU A 218 -5.74 -2.61 10.03
C LEU A 218 -7.17 -2.25 10.43
N ASN A 219 -7.53 -2.49 11.69
CA ASN A 219 -8.85 -2.12 12.17
C ASN A 219 -9.04 -0.60 12.18
N LEU A 220 -8.00 0.15 12.51
CA LEU A 220 -8.08 1.60 12.44
C LEU A 220 -8.26 2.08 11.00
N ALA A 221 -7.50 1.49 10.07
CA ALA A 221 -7.71 1.79 8.66
C ALA A 221 -9.14 1.52 8.24
N GLU A 222 -9.71 0.40 8.70
CA GLU A 222 -11.10 0.10 8.37
C GLU A 222 -12.03 1.22 8.81
N LYS A 223 -11.82 1.75 10.01
CA LYS A 223 -12.68 2.83 10.53
C LYS A 223 -12.51 4.12 9.76
N LEU A 224 -11.33 4.37 9.21
CA LEU A 224 -10.98 5.60 8.53
C LEU A 224 -11.05 5.53 7.01
N ASN A 225 -11.46 4.40 6.44
CA ASN A 225 -11.48 4.21 4.99
C ASN A 225 -10.11 4.47 4.37
N MET A 226 -9.11 3.81 4.94
CA MET A 226 -7.77 3.82 4.40
C MET A 226 -7.39 2.40 3.99
N TYR A 227 -6.48 2.30 3.03
CA TYR A 227 -6.12 1.05 2.37
C TYR A 227 -4.61 0.91 2.38
N ILE A 228 -4.12 -0.27 2.76
CA ILE A 228 -2.72 -0.47 3.15
C ILE A 228 -2.01 -1.40 2.18
N MET A 229 -0.77 -1.04 1.82
CA MET A 229 0.13 -2.00 1.18
C MET A 229 0.98 -2.65 2.27
N PHE A 230 0.95 -3.97 2.33
CA PHE A 230 1.75 -4.74 3.29
C PHE A 230 3.03 -5.15 2.59
N CYS A 231 4.17 -4.66 3.08
CA CYS A 231 5.48 -5.05 2.57
C CYS A 231 6.04 -6.18 3.43
N PHE A 232 6.15 -7.38 2.83
CA PHE A 232 6.47 -8.57 3.63
C PHE A 232 7.92 -8.55 4.12
N ASP A 233 8.88 -8.19 3.25
CA ASP A 233 10.30 -8.29 3.53
C ASP A 233 10.99 -7.06 2.96
N SER A 234 12.08 -6.64 3.62
CA SER A 234 12.94 -5.57 3.12
C SER A 234 14.36 -6.06 2.88
N TYR A 235 14.99 -5.44 1.88
CA TYR A 235 16.30 -5.84 1.36
C TYR A 235 17.33 -5.96 2.47
N ASN A 236 17.15 -5.20 3.57
CA ASN A 236 18.14 -5.20 4.64
C ASN A 236 18.37 -6.61 5.16
N GLU A 237 17.33 -7.44 5.15
CA GLU A 237 17.43 -8.81 5.66
C GLU A 237 18.52 -9.60 4.97
N LEU A 238 18.76 -9.32 3.69
CA LEU A 238 19.69 -10.07 2.85
C LEU A 238 20.90 -9.24 2.42
N ARG A 239 21.30 -8.26 3.23
CA ARG A 239 22.43 -7.36 2.96
C ARG A 239 23.43 -7.46 4.09
N TYR A 240 24.69 -7.69 3.75
CA TYR A 240 25.74 -7.86 4.74
C TYR A 240 26.17 -6.53 5.34
N GLN A 241 26.59 -6.59 6.61
CA GLN A 241 27.08 -5.40 7.31
C GLN A 241 28.10 -4.62 6.50
N LYS A 242 29.07 -5.29 5.88
CA LYS A 242 30.13 -4.54 5.20
C LYS A 242 29.63 -3.80 3.97
N GLU A 243 28.41 -4.09 3.52
CA GLU A 243 27.82 -3.46 2.34
C GLU A 243 27.08 -2.17 2.68
N GLY A 244 26.89 -1.86 3.95
CA GLY A 244 26.24 -0.61 4.31
C GLY A 244 24.77 -0.59 3.91
N ALA A 245 24.21 0.62 3.89
CA ALA A 245 22.82 0.88 3.54
C ALA A 245 21.85 0.18 4.50
N TYR A 246 22.08 0.35 5.79
CA TYR A 246 21.26 -0.23 6.86
C TYR A 246 21.17 -1.74 6.71
N PRO A 247 22.33 -2.41 6.71
CA PRO A 247 22.33 -3.88 6.53
C PRO A 247 21.82 -4.59 7.77
N TYR A 248 21.34 -5.81 7.55
CA TYR A 248 20.81 -6.58 8.68
C TYR A 248 21.04 -8.08 8.59
N TRP A 249 21.76 -8.59 7.60
CA TRP A 249 21.93 -10.05 7.48
C TRP A 249 22.41 -10.66 8.79
N GLU A 250 23.43 -10.05 9.40
CA GLU A 250 24.04 -10.65 10.58
C GLU A 250 23.04 -10.80 11.74
N HIS A 251 21.93 -10.06 11.70
CA HIS A 251 20.94 -10.04 12.75
C HIS A 251 19.64 -10.70 12.36
N THR A 252 19.51 -11.17 11.15
CA THR A 252 18.21 -11.63 10.68
C THR A 252 17.98 -13.10 11.05
N PRO A 253 16.72 -13.49 11.32
CA PRO A 253 16.48 -14.89 11.73
C PRO A 253 16.73 -15.89 10.62
N HIS A 254 16.81 -15.44 9.36
CA HIS A 254 17.07 -16.36 8.26
C HIS A 254 18.45 -16.99 8.33
N TYR A 255 19.44 -16.27 8.87
CA TYR A 255 20.83 -16.72 8.88
C TYR A 255 21.01 -17.87 9.88
N GLU A 256 21.75 -18.89 9.46
CA GLU A 256 22.02 -20.05 10.32
C GLU A 256 22.60 -19.64 11.66
N LYS A 257 23.42 -18.59 11.71
CA LYS A 257 23.98 -18.14 12.98
C LYS A 257 22.90 -17.82 13.99
N ASN A 258 21.72 -17.40 13.54
CA ASN A 258 20.61 -16.98 14.39
C ASN A 258 19.47 -18.00 14.41
N GLY A 259 19.75 -19.22 13.98
CA GLY A 259 18.80 -20.31 14.05
C GLY A 259 18.09 -20.64 12.75
N GLY A 260 18.33 -19.89 11.68
CA GLY A 260 17.63 -20.10 10.44
C GLY A 260 18.33 -21.09 9.53
N PRO A 261 17.75 -21.29 8.34
CA PRO A 261 18.26 -22.33 7.44
C PRO A 261 19.39 -21.90 6.52
N LEU A 262 19.64 -20.61 6.38
CA LEU A 262 20.50 -20.12 5.31
C LEU A 262 21.95 -19.87 5.73
N LYS A 263 22.88 -20.38 4.94
CA LYS A 263 24.30 -20.12 5.15
C LYS A 263 24.74 -18.77 4.57
N GLU A 264 24.05 -18.26 3.56
CA GLU A 264 24.32 -16.97 2.93
C GLU A 264 23.03 -16.48 2.27
N PRO A 265 22.91 -15.18 2.05
CA PRO A 265 21.61 -14.67 1.56
C PRO A 265 21.23 -15.17 0.18
N LYS A 266 22.20 -15.48 -0.69
CA LYS A 266 21.88 -16.05 -2.00
C LYS A 266 20.96 -17.28 -1.88
N ASP A 267 21.10 -18.04 -0.81
CA ASP A 267 20.35 -19.28 -0.71
C ASP A 267 18.89 -19.04 -0.40
N PHE A 268 18.50 -17.81 -0.06
CA PHE A 268 17.08 -17.52 0.19
C PHE A 268 16.20 -17.95 -0.97
N TRP A 269 16.67 -17.77 -2.22
CA TRP A 269 15.78 -17.94 -3.38
C TRP A 269 15.48 -19.41 -3.66
N THR A 270 16.37 -20.33 -3.26
CA THR A 270 16.31 -21.73 -3.69
C THR A 270 16.35 -22.76 -2.56
N ASN A 271 16.64 -22.36 -1.33
CA ASN A 271 16.74 -23.30 -0.23
C ASN A 271 15.36 -23.87 0.07
N ASN A 272 15.28 -25.20 0.10
CA ASN A 272 13.98 -25.85 0.20
C ASN A 272 13.28 -25.55 1.52
N GLU A 273 14.03 -25.55 2.61
CA GLU A 273 13.44 -25.24 3.91
C GLU A 273 12.95 -23.81 3.98
N MET A 274 13.76 -22.84 3.49
CA MET A 274 13.33 -21.45 3.47
C MET A 274 12.06 -21.27 2.64
N ILE A 275 12.00 -21.93 1.49
CA ILE A 275 10.80 -21.79 0.64
C ILE A 275 9.58 -22.32 1.37
N LYS A 276 9.71 -23.47 2.02
CA LYS A 276 8.61 -24.03 2.81
C LYS A 276 8.15 -23.06 3.89
N TYR A 277 9.08 -22.50 4.67
CA TYR A 277 8.73 -21.56 5.72
CA TYR A 277 8.65 -21.60 5.71
C TYR A 277 8.08 -20.32 5.14
N TYR A 278 8.61 -19.83 4.02
CA TYR A 278 8.07 -18.62 3.45
C TYR A 278 6.61 -18.84 3.00
N LYS A 279 6.34 -20.01 2.43
CA LYS A 279 4.95 -20.34 2.08
C LYS A 279 4.07 -20.42 3.31
N ASN A 280 4.60 -20.95 4.43
CA ASN A 280 3.82 -20.94 5.67
C ASN A 280 3.53 -19.51 6.12
N LYS A 281 4.49 -18.59 5.93
CA LYS A 281 4.27 -17.20 6.31
C LYS A 281 3.18 -16.58 5.45
N LEU A 282 3.21 -16.85 4.16
CA LEU A 282 2.15 -16.35 3.28
C LEU A 282 0.80 -16.89 3.68
N ARG A 283 0.73 -18.16 4.02
CA ARG A 283 -0.52 -18.75 4.52
C ARG A 283 -0.97 -18.06 5.79
N TYR A 284 -0.05 -17.76 6.71
CA TYR A 284 -0.42 -17.07 7.94
C TYR A 284 -0.96 -15.67 7.65
N ILE A 285 -0.33 -14.96 6.71
CA ILE A 285 -0.73 -13.60 6.35
C ILE A 285 -2.11 -13.62 5.71
N VAL A 286 -2.34 -14.55 4.77
CA VAL A 286 -3.67 -14.69 4.17
C VAL A 286 -4.70 -15.01 5.25
N ALA A 287 -4.40 -15.98 6.10
CA ALA A 287 -5.34 -16.38 7.15
C ALA A 287 -5.71 -15.19 8.02
N ARG A 288 -4.72 -14.43 8.48
CA ARG A 288 -4.97 -13.41 9.49
C ARG A 288 -5.49 -12.09 8.92
N TYR A 289 -5.12 -11.73 7.69
CA TYR A 289 -5.41 -10.42 7.12
C TYR A 289 -6.13 -10.45 5.79
N GLY A 290 -6.22 -11.60 5.11
CA GLY A 290 -6.73 -11.63 3.76
C GLY A 290 -8.18 -11.23 3.63
N TYR A 291 -8.98 -11.48 4.67
CA TYR A 291 -10.38 -11.06 4.65
C TYR A 291 -10.55 -9.59 4.34
N SER A 292 -9.57 -8.76 4.68
CA SER A 292 -9.81 -7.32 4.79
C SER A 292 -9.77 -6.62 3.44
N THR A 293 -10.86 -5.91 3.11
CA THR A 293 -10.80 -5.03 1.95
C THR A 293 -9.86 -3.84 2.15
N ASN A 294 -9.42 -3.59 3.38
CA ASN A 294 -8.46 -2.51 3.64
C ASN A 294 -7.03 -2.95 3.38
N VAL A 295 -6.78 -4.19 2.97
CA VAL A 295 -5.49 -4.57 2.38
C VAL A 295 -5.56 -4.26 0.89
N PHE A 296 -4.87 -3.19 0.49
CA PHE A 296 -4.76 -2.81 -0.92
C PHE A 296 -3.88 -3.78 -1.69
N ALA A 297 -2.71 -4.14 -1.15
CA ALA A 297 -1.82 -4.99 -1.92
C ALA A 297 -0.85 -5.73 -1.01
N TRP A 298 -0.46 -6.91 -1.48
CA TRP A 298 0.64 -7.68 -0.94
C TRP A 298 1.90 -7.30 -1.73
N GLU A 299 2.91 -6.80 -1.05
CA GLU A 299 4.18 -6.44 -1.68
C GLU A 299 5.26 -7.37 -1.14
N PHE A 300 5.87 -8.17 -2.02
CA PHE A 300 6.85 -9.14 -1.52
C PHE A 300 8.06 -8.45 -0.89
N TRP A 301 8.65 -7.51 -1.62
CA TRP A 301 9.94 -6.95 -1.23
C TRP A 301 9.96 -5.44 -1.30
N ASN A 302 10.63 -4.86 -0.32
CA ASN A 302 11.17 -3.50 -0.41
C ASN A 302 12.57 -3.57 -1.04
N GLN A 303 12.70 -3.11 -2.29
CA GLN A 303 13.98 -2.87 -2.93
C GLN A 303 14.84 -4.15 -3.02
N VAL A 304 14.27 -5.19 -3.63
CA VAL A 304 14.98 -6.49 -3.72
C VAL A 304 16.30 -6.43 -4.49
N ASP A 305 16.45 -5.47 -5.42
CA ASP A 305 17.68 -5.32 -6.19
C ASP A 305 18.88 -4.93 -5.34
N ILE A 306 18.69 -4.38 -4.14
CA ILE A 306 19.83 -4.00 -3.31
C ILE A 306 20.00 -4.86 -2.06
N ILE A 307 19.50 -6.09 -2.10
CA ILE A 307 20.09 -7.15 -1.27
C ILE A 307 21.57 -7.23 -1.63
N SER A 308 22.34 -8.04 -0.90
CA SER A 308 23.74 -8.20 -1.21
C SER A 308 23.90 -8.53 -2.70
N PRO A 309 24.87 -7.89 -3.39
CA PRO A 309 25.20 -8.34 -4.75
C PRO A 309 25.63 -9.80 -4.82
N THR A 310 26.08 -10.37 -3.71
CA THR A 310 26.40 -11.80 -3.71
C THR A 310 25.16 -12.67 -3.79
N ALA A 311 23.98 -12.08 -3.60
CA ALA A 311 22.73 -12.82 -3.46
C ALA A 311 21.73 -12.53 -4.55
N PHE A 312 21.99 -11.55 -5.42
CA PHE A 312 21.00 -11.12 -6.42
C PHE A 312 21.31 -11.80 -7.74
N VAL A 313 20.51 -12.80 -8.04
CA VAL A 313 20.63 -13.62 -9.24
C VAL A 313 19.32 -13.40 -9.98
N ILE A 314 19.34 -12.60 -11.05
CA ILE A 314 18.09 -12.08 -11.62
C ILE A 314 17.14 -13.21 -12.01
N GLY A 315 17.63 -14.28 -12.64
CA GLY A 315 16.74 -15.35 -13.04
C GLY A 315 16.12 -16.07 -11.86
N GLU A 316 16.87 -16.21 -10.76
CA GLU A 316 16.34 -16.85 -9.58
C GLU A 316 15.33 -15.96 -8.87
N VAL A 317 15.61 -14.66 -8.80
CA VAL A 317 14.67 -13.75 -8.16
C VAL A 317 13.38 -13.67 -8.99
N LYS A 318 13.49 -13.69 -10.31
CA LYS A 318 12.32 -13.70 -11.18
C LYS A 318 11.49 -14.97 -10.96
N LYS A 319 12.14 -16.13 -10.99
CA LYS A 319 11.40 -17.39 -10.80
C LYS A 319 10.72 -17.42 -9.44
N TRP A 320 11.40 -16.95 -8.40
CA TRP A 320 10.80 -16.95 -7.08
C TRP A 320 9.56 -16.05 -7.04
N HIS A 321 9.63 -14.89 -7.67
CA HIS A 321 8.45 -14.02 -7.70
C HIS A 321 7.31 -14.67 -8.49
N GLU A 322 7.61 -15.34 -9.59
CA GLU A 322 6.56 -16.02 -10.35
C GLU A 322 5.91 -17.10 -9.50
N ASP A 323 6.72 -17.91 -8.83
CA ASP A 323 6.22 -19.04 -8.07
C ASP A 323 5.48 -18.58 -6.83
N MET A 324 6.01 -17.58 -6.13
CA MET A 324 5.33 -17.13 -4.91
C MET A 324 4.05 -16.37 -5.25
N ALA A 325 4.04 -15.60 -6.34
CA ALA A 325 2.79 -14.95 -6.74
C ALA A 325 1.73 -15.98 -7.10
N LYS A 326 2.10 -17.04 -7.81
CA LYS A 326 1.14 -18.09 -8.11
C LYS A 326 0.63 -18.75 -6.83
N TYR A 327 1.53 -19.08 -5.90
CA TYR A 327 1.11 -19.71 -4.65
C TYR A 327 0.17 -18.79 -3.86
N LEU A 328 0.58 -17.53 -3.66
CA LEU A 328 -0.19 -16.59 -2.87
C LEU A 328 -1.58 -16.37 -3.47
N ASN A 329 -1.67 -16.19 -4.80
CA ASN A 329 -2.98 -16.07 -5.42
C ASN A 329 -3.81 -17.33 -5.19
N SER A 330 -3.18 -18.50 -5.30
CA SER A 330 -3.91 -19.77 -5.18
C SER A 330 -4.54 -19.96 -3.80
N ILE A 331 -3.92 -19.43 -2.74
CA ILE A 331 -4.45 -19.63 -1.39
C ILE A 331 -5.24 -18.45 -0.88
N ASP A 332 -5.18 -17.30 -1.53
CA ASP A 332 -5.90 -16.09 -1.11
C ASP A 332 -7.30 -16.11 -1.69
N PRO A 333 -8.32 -16.40 -0.87
CA PRO A 333 -9.70 -16.44 -1.40
C PRO A 333 -10.16 -15.15 -2.08
N TRP A 334 -9.55 -14.01 -1.75
CA TRP A 334 -9.99 -12.69 -2.21
C TRP A 334 -9.07 -12.11 -3.28
N LYS A 335 -7.98 -12.79 -3.63
CA LYS A 335 -7.11 -12.43 -4.76
C LYS A 335 -6.65 -10.98 -4.71
N HIS A 336 -6.09 -10.56 -3.57
CA HIS A 336 -5.55 -9.21 -3.50
C HIS A 336 -4.44 -9.02 -4.54
N LEU A 337 -4.24 -7.77 -4.92
CA LEU A 337 -3.16 -7.36 -5.79
C LEU A 337 -1.81 -7.70 -5.17
N ILE A 338 -0.85 -8.00 -6.05
CA ILE A 338 0.51 -8.39 -5.68
C ILE A 338 1.50 -7.51 -6.44
N THR A 339 2.55 -7.06 -5.75
CA THR A 339 3.60 -6.26 -6.36
C THR A 339 4.95 -6.55 -5.69
N THR A 340 5.99 -5.85 -6.17
CA THR A 340 7.31 -5.87 -5.55
C THR A 340 8.01 -4.57 -5.95
N SER A 341 9.12 -4.25 -5.30
CA SER A 341 9.77 -2.97 -5.56
C SER A 341 11.29 -3.09 -5.67
N PHE A 342 11.85 -2.02 -6.25
CA PHE A 342 13.28 -1.85 -6.56
C PHE A 342 13.77 -0.48 -6.12
N ALA A 343 15.02 -0.43 -5.63
CA ALA A 343 15.68 0.86 -5.39
C ALA A 343 15.99 1.57 -6.72
N PHE A 344 16.51 0.84 -7.70
CA PHE A 344 16.81 1.41 -9.01
C PHE A 344 15.54 1.96 -9.63
N SER A 345 15.52 3.26 -9.89
CA SER A 345 14.26 3.89 -10.28
C SER A 345 13.63 3.29 -11.52
N PRO A 346 14.37 2.96 -12.59
CA PRO A 346 13.76 2.30 -13.75
C PRO A 346 13.25 0.88 -13.48
N GLY A 347 13.56 0.29 -12.33
CA GLY A 347 13.11 -1.06 -12.04
C GLY A 347 13.88 -2.12 -12.82
N LYS A 348 13.30 -3.31 -12.85
CA LYS A 348 13.90 -4.48 -13.49
C LYS A 348 12.86 -5.10 -14.41
N PRO A 349 12.93 -4.85 -15.72
CA PRO A 349 11.88 -5.36 -16.63
C PRO A 349 11.62 -6.86 -16.55
N GLU A 350 12.65 -7.67 -16.29
CA GLU A 350 12.46 -9.12 -16.25
C GLU A 350 11.50 -9.53 -15.14
N ILE A 351 11.42 -8.75 -14.08
CA ILE A 351 10.50 -9.00 -12.98
C ILE A 351 9.21 -8.20 -13.12
N ASP A 352 9.33 -6.91 -13.44
CA ASP A 352 8.14 -6.07 -13.55
C ASP A 352 7.16 -6.61 -14.60
N SER A 353 7.64 -7.35 -15.61
CA SER A 353 6.80 -7.84 -16.69
C SER A 353 6.05 -9.12 -16.34
N ILE A 354 6.33 -9.72 -15.18
CA ILE A 354 5.66 -10.95 -14.76
C ILE A 354 4.16 -10.70 -14.65
N SER A 355 3.36 -11.59 -15.22
CA SER A 355 1.90 -11.41 -15.14
C SER A 355 1.38 -11.49 -13.71
N GLY A 356 2.08 -12.22 -12.84
CA GLY A 356 1.61 -12.37 -11.48
C GLY A 356 1.74 -11.13 -10.63
N LEU A 357 2.55 -10.17 -11.07
CA LEU A 357 2.64 -8.87 -10.40
C LEU A 357 1.65 -7.94 -11.07
N ASN A 358 0.62 -7.55 -10.34
CA ASN A 358 -0.48 -6.84 -10.96
C ASN A 358 -0.21 -5.36 -11.23
N PHE A 359 0.79 -4.77 -10.56
CA PHE A 359 1.16 -3.40 -10.83
C PHE A 359 2.65 -3.24 -10.54
N VAL A 360 3.22 -2.18 -11.13
CA VAL A 360 4.64 -1.87 -10.97
C VAL A 360 4.80 -0.62 -10.12
N GLN A 361 6.03 -0.44 -9.63
CA GLN A 361 6.33 0.70 -8.78
C GLN A 361 7.61 1.39 -9.21
N THR A 362 7.78 2.60 -8.68
CA THR A 362 9.04 3.32 -8.72
C THR A 362 9.37 3.82 -7.33
N HIS A 363 10.65 3.71 -6.97
CA HIS A 363 11.24 4.46 -5.86
C HIS A 363 12.23 5.44 -6.48
N ILE A 364 12.20 6.69 -6.04
CA ILE A 364 13.14 7.69 -6.54
C ILE A 364 13.41 8.74 -5.47
N TYR A 365 14.70 8.96 -5.23
CA TYR A 365 15.22 10.01 -4.35
C TYR A 365 16.20 10.79 -5.22
N LYS A 366 15.79 11.99 -5.61
CA LYS A 366 16.56 12.81 -6.55
C LYS A 366 16.32 14.26 -6.21
N SER A 367 17.39 15.05 -6.13
CA SER A 367 17.24 16.44 -5.73
C SER A 367 17.07 17.40 -6.90
N ASN A 368 17.67 17.10 -8.04
CA ASN A 368 17.72 18.01 -9.18
CA ASN A 368 17.69 18.03 -9.16
C ASN A 368 16.71 17.59 -10.24
N ARG A 369 15.84 18.53 -10.64
CA ARG A 369 14.92 18.31 -11.75
C ARG A 369 14.10 17.03 -11.59
N TYR A 370 13.64 16.78 -10.36
CA TYR A 370 12.85 15.57 -10.11
C TYR A 370 11.49 15.60 -10.78
N ILE A 371 10.94 16.77 -11.12
CA ILE A 371 9.68 16.80 -11.86
C ILE A 371 9.86 16.10 -13.20
N ASP A 372 10.92 16.44 -13.92
CA ASP A 372 11.18 15.82 -15.23
C ASP A 372 11.47 14.34 -15.08
N ALA A 373 12.19 13.95 -14.02
CA ALA A 373 12.48 12.55 -13.77
C ALA A 373 11.21 11.75 -13.54
N LEU A 374 10.28 12.28 -12.74
CA LEU A 374 9.01 11.59 -12.53
C LEU A 374 8.24 11.43 -13.83
N LEU A 375 8.14 12.50 -14.63
CA LEU A 375 7.42 12.40 -15.88
C LEU A 375 8.07 11.37 -16.80
N SER A 376 9.41 11.36 -16.86
CA SER A 376 10.10 10.41 -17.72
C SER A 376 9.82 8.97 -17.30
N LEU A 377 9.87 8.70 -16.00
CA LEU A 377 9.65 7.34 -15.51
C LEU A 377 8.22 6.90 -15.70
N ILE A 378 7.26 7.81 -15.54
CA ILE A 378 5.86 7.46 -15.77
C ILE A 378 5.63 7.14 -17.24
N ALA A 379 6.20 7.94 -18.15
CA ALA A 379 6.05 7.65 -19.56
C ALA A 379 6.67 6.30 -19.91
N TYR A 380 7.84 6.00 -19.35
CA TYR A 380 8.55 4.77 -19.67
C TYR A 380 7.76 3.54 -19.23
N LYS A 381 7.23 3.55 -18.02
CA LYS A 381 6.58 2.36 -17.48
C LYS A 381 5.17 2.13 -18.02
N GLU A 382 4.67 3.02 -18.89
CA GLU A 382 3.44 2.72 -19.62
C GLU A 382 3.59 1.47 -20.46
N LYS A 383 4.82 1.08 -20.80
CA LYS A 383 5.02 -0.14 -21.57
C LYS A 383 4.45 -1.39 -20.89
N TYR A 384 4.29 -1.39 -19.57
CA TYR A 384 3.81 -2.58 -18.87
C TYR A 384 2.30 -2.75 -18.98
N ARG A 385 1.55 -1.73 -19.37
CA ARG A 385 0.09 -1.82 -19.49
C ARG A 385 -0.56 -2.36 -18.21
N LYS A 386 -0.08 -1.86 -17.09
CA LYS A 386 -0.71 -2.10 -15.80
C LYS A 386 -0.36 -0.90 -14.91
N PRO A 387 -1.05 -0.77 -13.77
CA PRO A 387 -0.87 0.48 -13.00
C PRO A 387 0.55 0.65 -12.48
N HIS A 388 0.90 1.92 -12.22
CA HIS A 388 2.21 2.34 -11.75
C HIS A 388 2.03 3.19 -10.50
N LEU A 389 2.64 2.75 -9.40
CA LEU A 389 2.66 3.50 -8.14
C LEU A 389 4.06 4.00 -7.85
N VAL A 390 4.20 5.32 -7.69
CA VAL A 390 5.47 5.87 -7.23
C VAL A 390 5.49 5.68 -5.71
N GLY A 391 5.94 4.50 -5.29
CA GLY A 391 5.82 4.03 -3.91
C GLY A 391 6.77 4.64 -2.91
N GLU A 392 7.88 5.25 -3.35
CA GLU A 392 8.74 6.03 -2.46
C GLU A 392 9.30 7.21 -3.24
N PHE A 393 9.33 8.37 -2.58
CA PHE A 393 9.81 9.59 -3.18
C PHE A 393 10.37 10.52 -2.12
N GLY A 394 11.46 11.18 -2.49
CA GLY A 394 12.05 12.25 -1.69
C GLY A 394 13.21 12.91 -2.42
N LEU A 395 13.84 13.87 -1.75
CA LEU A 395 15.11 14.42 -2.24
C LEU A 395 16.23 13.42 -2.01
N ASP A 396 17.34 13.58 -2.76
CA ASP A 396 18.53 12.78 -2.42
C ASP A 396 19.41 13.61 -1.48
N ALA A 397 18.92 13.76 -0.24
CA ALA A 397 19.56 14.68 0.70
C ALA A 397 19.95 14.02 2.01
N GLY A 398 20.19 12.70 2.00
CA GLY A 398 20.61 12.02 3.22
C GLY A 398 19.60 12.13 4.35
N GLY A 399 18.33 12.21 4.00
CA GLY A 399 17.29 12.43 4.99
C GLY A 399 17.20 13.83 5.54
N ASN A 400 17.83 14.82 4.93
CA ASN A 400 17.72 16.16 5.44
C ASN A 400 16.58 16.94 4.80
N ASP A 401 15.73 16.28 3.99
CA ASP A 401 14.54 16.91 3.47
C ASP A 401 13.87 17.78 4.54
N LEU A 402 13.86 17.31 5.80
CA LEU A 402 13.08 18.03 6.81
C LEU A 402 13.66 19.39 7.18
N TRP A 403 14.95 19.62 6.98
CA TRP A 403 15.49 20.96 7.24
C TRP A 403 15.72 21.77 5.97
N VAL A 404 15.87 21.12 4.82
CA VAL A 404 15.95 21.81 3.53
C VAL A 404 14.59 22.32 3.10
N ASP A 405 13.52 21.59 3.40
CA ASP A 405 12.18 21.92 2.88
C ASP A 405 11.12 21.75 3.95
N PRO A 406 11.15 22.57 5.01
CA PRO A 406 10.17 22.41 6.09
C PRO A 406 8.72 22.64 5.66
N ASN A 407 8.48 23.35 4.56
CA ASN A 407 7.11 23.57 4.09
C ASN A 407 6.57 22.47 3.20
N GLY A 408 7.41 21.50 2.81
CA GLY A 408 6.92 20.40 2.01
C GLY A 408 6.71 20.70 0.55
N TYR A 409 7.41 21.70 0.01
CA TYR A 409 7.28 21.99 -1.41
C TYR A 409 7.72 20.82 -2.28
N VAL A 410 8.70 20.04 -1.83
CA VAL A 410 9.15 18.89 -2.62
C VAL A 410 8.05 17.86 -2.76
N ILE A 411 7.43 17.47 -1.64
CA ILE A 411 6.27 16.59 -1.65
C ILE A 411 5.18 17.17 -2.55
N HIS A 412 4.89 18.46 -2.35
CA HIS A 412 3.88 19.17 -3.13
C HIS A 412 4.11 18.99 -4.62
N ASN A 413 5.33 19.31 -5.08
CA ASN A 413 5.65 19.19 -6.50
C ASN A 413 5.45 17.75 -6.99
N ALA A 414 5.87 16.78 -6.20
CA ALA A 414 5.81 15.40 -6.65
C ALA A 414 4.39 14.87 -6.71
N ILE A 415 3.54 15.23 -5.75
CA ILE A 415 2.19 14.68 -5.77
C ILE A 415 1.38 15.25 -6.93
N TRP A 416 1.53 16.55 -7.22
CA TRP A 416 0.87 17.15 -8.40
C TRP A 416 1.42 16.53 -9.69
N THR A 417 2.75 16.41 -9.78
CA THR A 417 3.35 15.90 -11.01
C THR A 417 2.88 14.48 -11.31
N THR A 418 2.86 13.63 -10.29
CA THR A 418 2.55 12.23 -10.50
C THR A 418 1.09 12.03 -10.87
N ILE A 419 0.16 12.66 -10.14
CA ILE A 419 -1.24 12.36 -10.37
C ILE A 419 -1.73 12.97 -11.68
N LEU A 420 -1.07 14.03 -12.16
CA LEU A 420 -1.44 14.64 -13.44
C LEU A 420 -0.50 14.23 -14.58
N SER A 421 0.22 13.14 -14.40
CA SER A 421 1.03 12.57 -15.47
C SER A 421 0.61 11.16 -15.82
N GLY A 422 -0.37 10.59 -15.12
CA GLY A 422 -0.86 9.25 -15.41
C GLY A 422 -0.44 8.17 -14.45
N ALA A 423 0.26 8.50 -13.37
CA ALA A 423 0.48 7.52 -12.33
C ALA A 423 -0.86 7.21 -11.67
N SER A 424 -0.91 6.04 -11.03
CA SER A 424 -2.17 5.57 -10.44
C SER A 424 -2.62 6.41 -9.25
N GLY A 425 -1.69 7.16 -8.65
CA GLY A 425 -1.98 7.98 -7.49
C GLY A 425 -0.79 8.86 -7.17
N THR A 426 -0.76 9.40 -5.97
CA THR A 426 0.30 10.34 -5.63
C THR A 426 1.63 9.61 -5.44
N ALA A 427 2.71 10.33 -5.71
CA ALA A 427 4.01 9.96 -5.18
C ALA A 427 3.89 9.82 -3.67
N MET A 428 4.49 8.76 -3.13
CA MET A 428 4.37 8.40 -1.71
C MET A 428 5.64 8.78 -0.97
N SER A 429 5.54 9.85 -0.19
CA SER A 429 6.67 10.41 0.54
C SER A 429 7.18 9.46 1.61
N TRP A 430 8.48 9.61 1.92
CA TRP A 430 9.09 9.07 3.13
C TRP A 430 8.86 10.09 4.25
N TRP A 431 9.45 9.87 5.42
CA TRP A 431 9.58 10.90 6.45
C TRP A 431 8.23 11.23 7.12
N TRP A 432 7.38 10.20 7.30
CA TRP A 432 6.05 10.40 7.89
C TRP A 432 6.17 10.92 9.33
N ASP A 433 7.17 10.44 10.07
CA ASP A 433 7.25 10.63 11.51
C ASP A 433 8.02 11.88 11.88
N ASN A 434 9.08 12.21 11.13
CA ASN A 434 9.92 13.35 11.47
C ASN A 434 9.73 14.57 10.58
N HIS A 435 8.87 14.51 9.58
CA HIS A 435 8.66 15.61 8.65
C HIS A 435 7.17 15.85 8.41
N ILE A 436 6.46 14.90 7.80
CA ILE A 436 5.07 15.13 7.45
C ILE A 436 4.28 15.50 8.70
N HIS A 437 4.40 14.70 9.76
CA HIS A 437 3.59 15.03 10.96
C HIS A 437 4.05 16.28 11.68
N PRO A 438 5.28 16.40 12.14
CA PRO A 438 5.64 17.60 12.93
C PRO A 438 5.54 18.89 12.16
N ASN A 439 5.80 18.88 10.84
CA ASN A 439 5.68 20.09 10.04
C ASN A 439 4.26 20.28 9.52
N ASN A 440 3.34 19.39 9.90
CA ASN A 440 1.92 19.52 9.56
C ASN A 440 1.70 19.74 8.06
N LEU A 441 2.18 18.77 7.28
CA LEU A 441 2.18 18.90 5.83
C LEU A 441 0.93 18.31 5.18
N TYR A 442 -0.02 17.85 5.98
CA TYR A 442 -1.19 17.18 5.44
C TYR A 442 -2.01 18.05 4.50
N PHE A 443 -1.97 19.38 4.69
CA PHE A 443 -2.79 20.26 3.85
C PHE A 443 -2.46 20.11 2.37
N HIS A 444 -1.24 19.72 2.02
CA HIS A 444 -0.93 19.54 0.61
C HIS A 444 -1.81 18.47 -0.02
N TYR A 445 -2.03 17.38 0.71
CA TYR A 445 -2.86 16.28 0.22
C TYR A 445 -4.33 16.66 0.15
N ARG A 446 -4.82 17.43 1.12
CA ARG A 446 -6.23 17.84 1.08
C ARG A 446 -6.50 18.68 -0.16
N ALA A 447 -5.59 19.59 -0.49
CA ALA A 447 -5.80 20.43 -1.65
C ALA A 447 -5.82 19.61 -2.93
N LEU A 448 -4.93 18.61 -3.03
CA LEU A 448 -4.91 17.78 -4.22
C LEU A 448 -6.13 16.88 -4.29
N ALA A 449 -6.52 16.26 -3.17
CA ALA A 449 -7.68 15.36 -3.18
C ALA A 449 -8.93 16.12 -3.60
N ASP A 450 -9.10 17.34 -3.12
CA ASP A 450 -10.29 18.11 -3.47
C ASP A 450 -10.31 18.51 -4.94
N PHE A 451 -9.15 18.59 -5.59
CA PHE A 451 -9.07 18.91 -7.01
C PHE A 451 -9.42 17.71 -7.88
N VAL A 452 -9.08 16.50 -7.48
CA VAL A 452 -9.25 15.34 -8.36
C VAL A 452 -10.49 14.48 -8.07
N LYS A 453 -11.06 14.57 -6.88
CA LYS A 453 -11.96 13.51 -6.43
C LYS A 453 -13.28 13.44 -7.17
N ASP A 454 -13.72 14.51 -7.81
CA ASP A 454 -15.00 14.53 -8.51
C ASP A 454 -14.91 14.17 -9.98
N ILE A 455 -13.76 13.72 -10.44
CA ILE A 455 -13.60 13.28 -11.82
C ILE A 455 -13.37 11.78 -11.79
N ASN A 456 -14.08 11.05 -12.66
CA ASN A 456 -13.86 9.60 -12.82
C ASN A 456 -12.70 9.43 -13.80
N PHE A 457 -11.51 9.21 -13.23
CA PHE A 457 -10.31 8.97 -14.05
C PHE A 457 -10.42 7.72 -14.87
N LEU A 458 -11.28 6.78 -14.47
CA LEU A 458 -11.37 5.51 -15.20
C LEU A 458 -11.99 5.71 -16.56
N GLU A 459 -12.76 6.80 -16.75
CA GLU A 459 -13.57 6.98 -17.93
C GLU A 459 -13.17 8.17 -18.79
N GLU A 460 -12.22 8.99 -18.37
CA GLU A 460 -11.84 10.18 -19.13
C GLU A 460 -10.92 9.90 -20.31
N LYS A 461 -10.38 8.70 -20.42
CA LYS A 461 -9.41 8.40 -21.48
C LYS A 461 -8.24 9.37 -21.43
N PHE A 462 -7.80 9.71 -20.21
CA PHE A 462 -6.79 10.74 -20.06
C PHE A 462 -5.50 10.34 -20.76
N GLU A 463 -4.86 11.30 -21.40
CA GLU A 463 -3.51 11.09 -21.87
C GLU A 463 -2.63 12.25 -21.42
N ARG A 464 -1.36 11.93 -21.18
CA ARG A 464 -0.36 12.95 -20.93
C ARG A 464 -0.52 14.07 -21.95
N LEU A 465 -0.51 15.29 -21.46
CA LEU A 465 -0.73 16.42 -22.35
C LEU A 465 0.43 16.58 -23.32
N THR A 466 0.08 16.89 -24.57
CA THR A 466 0.99 17.27 -25.65
C THR A 466 0.24 18.29 -26.50
N ASN A 467 0.92 18.82 -27.51
CA ASN A 467 0.30 19.73 -28.46
C ASN A 467 -0.02 21.09 -27.86
N TYR A 468 0.77 21.54 -26.90
CA TYR A 468 0.49 22.84 -26.30
C TYR A 468 1.56 23.83 -26.71
N LYS A 469 1.24 25.12 -26.56
CA LYS A 469 2.19 26.19 -26.87
C LYS A 469 2.01 27.35 -25.91
N PHE A 470 3.00 27.59 -25.08
CA PHE A 470 3.01 28.73 -24.19
C PHE A 470 3.32 30.01 -24.97
N ASN A 471 2.73 31.10 -24.50
CA ASN A 471 3.13 32.45 -24.91
C ASN A 471 3.29 33.28 -23.63
N VAL A 472 4.52 33.34 -23.16
CA VAL A 472 4.83 33.95 -21.88
C VAL A 472 6.17 34.64 -22.01
N TYR A 473 6.22 35.90 -21.59
CA TYR A 473 7.39 36.72 -21.78
C TYR A 473 8.21 36.94 -20.53
N ASN A 474 7.60 37.26 -19.39
CA ASN A 474 8.44 37.68 -18.28
C ASN A 474 9.06 36.49 -17.54
N ARG A 475 8.73 35.24 -17.91
CA ARG A 475 9.05 34.13 -17.02
C ARG A 475 9.28 32.85 -17.81
N GLU A 476 9.73 31.82 -17.06
CA GLU A 476 9.85 30.45 -17.54
C GLU A 476 8.82 29.59 -16.81
N ILE A 477 7.67 29.34 -17.48
CA ILE A 477 6.60 28.51 -16.95
C ILE A 477 6.63 27.19 -17.69
N LYS A 478 6.40 26.11 -16.95
CA LYS A 478 6.29 24.76 -17.50
C LYS A 478 4.96 24.15 -17.09
N VAL A 479 4.57 23.06 -17.76
CA VAL A 479 3.28 22.42 -17.49
C VAL A 479 3.42 20.91 -17.42
N ILE A 480 2.64 20.31 -16.52
CA ILE A 480 2.38 18.87 -16.45
C ILE A 480 0.87 18.75 -16.59
N GLY A 481 0.40 17.92 -17.52
CA GLY A 481 -1.01 17.97 -17.85
C GLY A 481 -1.57 16.61 -18.22
N LEU A 482 -2.89 16.50 -18.08
CA LEU A 482 -3.66 15.39 -18.62
C LEU A 482 -4.76 15.95 -19.51
N GLN A 483 -4.96 15.36 -20.69
CA GLN A 483 -6.07 15.71 -21.56
C GLN A 483 -7.00 14.50 -21.68
N GLY A 484 -8.27 14.72 -21.40
CA GLY A 484 -9.29 13.68 -21.47
C GLY A 484 -10.42 14.07 -22.39
N LYS A 485 -11.43 13.20 -22.41
CA LYS A 485 -12.56 13.40 -23.31
C LYS A 485 -13.43 14.57 -22.87
N LYS A 486 -13.46 14.86 -21.59
CA LYS A 486 -14.25 15.96 -21.05
C LYS A 486 -13.43 16.97 -20.28
N TYR A 487 -12.41 16.55 -19.54
CA TYR A 487 -11.59 17.47 -18.74
C TYR A 487 -10.14 17.52 -19.24
N ILE A 488 -9.54 18.69 -19.09
CA ILE A 488 -8.11 18.90 -19.20
C ILE A 488 -7.63 19.43 -17.85
N LEU A 489 -6.68 18.72 -17.25
CA LEU A 489 -6.14 19.06 -15.93
C LEU A 489 -4.70 19.53 -16.09
N LEU A 490 -4.43 20.76 -15.68
CA LEU A 490 -3.10 21.35 -15.82
C LEU A 490 -2.51 21.68 -14.46
N TRP A 491 -1.21 21.43 -14.32
CA TRP A 491 -0.40 21.95 -13.21
C TRP A 491 0.73 22.78 -13.83
N LEU A 492 0.70 24.08 -13.58
CA LEU A 492 1.71 24.99 -14.08
C LEU A 492 2.68 25.36 -12.97
N TYR A 493 3.97 25.44 -13.30
CA TYR A 493 4.96 25.82 -12.29
C TYR A 493 6.00 26.74 -12.87
N ASN A 494 6.54 27.61 -12.02
CA ASN A 494 7.62 28.51 -12.40
C ASN A 494 8.93 27.76 -12.22
N ALA A 495 9.65 27.55 -13.32
CA ALA A 495 10.85 26.73 -13.25
C ALA A 495 11.92 27.33 -12.34
N LYS A 496 11.89 28.66 -12.14
CA LYS A 496 12.88 29.35 -11.33
C LYS A 496 12.50 29.41 -9.85
N GLU A 497 11.27 29.04 -9.49
CA GLU A 497 10.84 29.08 -8.10
C GLU A 497 10.48 27.71 -7.53
N ALA A 498 10.06 26.76 -8.35
CA ALA A 498 9.57 25.49 -7.84
C ALA A 498 10.60 24.72 -7.04
N TYR A 499 11.89 24.94 -7.29
CA TYR A 499 12.96 24.18 -6.63
C TYR A 499 13.70 24.97 -5.57
N GLN A 500 13.17 26.11 -5.16
CA GLN A 500 13.72 26.89 -4.07
C GLN A 500 12.73 26.80 -2.92
N TYR A 501 13.24 26.52 -1.71
CA TYR A 501 12.37 26.10 -0.61
C TYR A 501 12.44 27.01 0.60
N LYS A 502 13.05 28.18 0.48
CA LYS A 502 13.26 29.02 1.65
C LYS A 502 12.07 29.91 1.96
N LYS A 503 11.25 30.21 0.96
CA LYS A 503 10.23 31.21 1.19
C LYS A 503 8.95 30.63 1.76
N ASP A 504 8.11 31.54 2.24
CA ASP A 504 6.83 31.15 2.78
C ASP A 504 5.86 30.85 1.64
N ILE A 505 4.71 30.30 2.03
CA ILE A 505 3.66 29.82 1.14
C ILE A 505 3.20 30.91 0.16
N PRO A 506 2.95 30.56 -1.11
CA PRO A 506 2.81 31.57 -2.17
C PRO A 506 1.37 32.00 -2.44
N ASN A 507 1.30 33.14 -3.13
CA ASN A 507 0.04 33.73 -3.55
C ASN A 507 -0.11 33.74 -5.07
N MET A 508 -1.22 34.33 -5.51
CA MET A 508 -1.58 34.43 -6.90
C MET A 508 -2.44 35.68 -7.00
N ASP A 509 -2.48 36.28 -8.19
CA ASP A 509 -3.22 37.52 -8.40
C ASP A 509 -4.13 37.35 -9.61
N SER A 510 -5.43 37.13 -9.36
CA SER A 510 -6.34 36.74 -10.42
C SER A 510 -6.71 37.94 -11.29
N SER A 511 -6.35 39.17 -10.86
CA SER A 511 -6.59 40.40 -11.63
C SER A 511 -5.47 40.72 -12.62
N LYS A 512 -4.47 39.85 -12.72
CA LYS A 512 -3.32 40.17 -13.52
C LYS A 512 -2.93 39.00 -14.40
N PHE A 513 -2.55 39.34 -15.63
CA PHE A 513 -2.29 38.40 -16.66
C PHE A 513 -0.79 38.21 -16.73
N LEU A 514 -0.38 36.94 -16.70
CA LEU A 514 1.02 36.53 -16.85
C LEU A 514 1.39 36.16 -18.29
N GLY A 515 0.50 35.45 -18.96
CA GLY A 515 0.76 34.87 -20.25
C GLY A 515 -0.38 33.95 -20.63
N SER A 516 -0.13 33.12 -21.63
CA SER A 516 -1.18 32.22 -22.08
C SER A 516 -0.62 30.87 -22.45
N ILE A 517 -1.54 29.89 -22.49
CA ILE A 517 -1.26 28.58 -23.05
C ILE A 517 -2.41 28.18 -23.97
N GLU A 518 -2.09 27.88 -25.22
CA GLU A 518 -3.10 27.49 -26.21
C GLU A 518 -3.08 25.97 -26.32
N LEU A 519 -4.26 25.37 -26.41
CA LEU A 519 -4.39 23.92 -26.44
C LEU A 519 -5.22 23.45 -27.63
N LEU A 520 -4.97 22.19 -28.03
CA LEU A 520 -5.66 21.57 -29.15
C LEU A 520 -6.98 21.01 -28.62
N ILE A 521 -7.96 21.90 -28.47
CA ILE A 521 -9.26 21.52 -27.94
C ILE A 521 -10.28 22.40 -28.66
N LYS A 522 -11.42 21.95 -28.70
CA LYS A 522 -12.46 22.72 -29.38
C LYS A 522 -13.30 23.47 -28.36
N PRO A 523 -13.42 24.78 -28.46
CA PRO A 523 -14.30 25.51 -27.55
C PRO A 523 -15.75 25.15 -27.84
N PRO A 524 -16.69 25.63 -27.01
CA PRO A 524 -16.48 26.46 -25.81
C PRO A 524 -15.99 25.64 -24.62
N ILE A 525 -15.31 26.31 -23.70
CA ILE A 525 -14.77 25.64 -22.51
C ILE A 525 -15.06 26.48 -21.27
N LYS A 526 -15.04 25.81 -20.11
CA LYS A 526 -15.05 26.49 -18.81
C LYS A 526 -13.72 26.24 -18.12
N VAL A 527 -13.11 27.30 -17.57
CA VAL A 527 -11.78 27.24 -16.96
C VAL A 527 -11.90 27.56 -15.47
N ILE A 528 -11.39 26.67 -14.62
CA ILE A 528 -11.33 26.91 -13.18
C ILE A 528 -9.86 27.02 -12.78
N TYR A 529 -9.52 28.11 -12.11
CA TYR A 529 -8.18 28.32 -11.58
C TYR A 529 -8.20 27.96 -10.10
N TYR A 530 -7.18 27.21 -9.65
CA TYR A 530 -7.20 26.55 -8.36
C TYR A 530 -5.89 26.76 -7.61
N ASP A 531 -6.02 27.26 -6.38
CA ASP A 531 -4.89 27.50 -5.49
C ASP A 531 -4.51 26.17 -4.86
N THR A 532 -3.28 25.72 -5.17
CA THR A 532 -2.84 24.39 -4.78
C THR A 532 -2.36 24.32 -3.34
N TYR A 533 -2.23 25.45 -2.65
CA TYR A 533 -1.85 25.47 -1.25
C TYR A 533 -3.04 25.65 -0.31
N ARG A 534 -3.96 26.54 -0.65
CA ARG A 534 -5.19 26.69 0.11
C ARG A 534 -6.26 25.70 -0.32
N GLY A 535 -6.09 25.06 -1.47
CA GLY A 535 -7.06 24.08 -1.94
C GLY A 535 -8.40 24.69 -2.22
N GLU A 536 -8.41 25.78 -2.98
CA GLU A 536 -9.61 26.57 -3.21
C GLU A 536 -9.67 27.04 -4.65
N LYS A 537 -10.89 27.13 -5.20
CA LYS A 537 -11.06 27.78 -6.50
C LYS A 537 -10.81 29.26 -6.33
N ILE A 538 -10.02 29.85 -7.25
CA ILE A 538 -9.60 31.26 -7.20
C ILE A 538 -10.43 32.09 -8.17
N LYS A 539 -10.80 31.48 -9.30
CA LYS A 539 -11.41 32.21 -10.39
C LYS A 539 -12.03 31.21 -11.36
N GLU A 540 -13.08 31.63 -12.04
CA GLU A 540 -13.73 30.81 -13.05
C GLU A 540 -14.00 31.67 -14.28
N LEU A 541 -13.83 31.08 -15.45
CA LEU A 541 -13.87 31.85 -16.69
C LEU A 541 -14.33 31.00 -17.86
N ASP A 542 -15.33 31.50 -18.57
CA ASP A 542 -15.84 30.86 -19.78
C ASP A 542 -15.13 31.41 -21.01
N LEU A 543 -14.75 30.52 -21.92
CA LEU A 543 -13.98 30.91 -23.10
C LEU A 543 -14.54 30.27 -24.36
N ASP A 544 -14.40 30.96 -25.49
CA ASP A 544 -14.78 30.45 -26.81
C ASP A 544 -13.60 30.39 -27.76
N LYS A 545 -12.38 30.53 -27.26
CA LYS A 545 -11.14 30.25 -27.97
C LYS A 545 -10.39 29.14 -27.26
N ASN A 546 -9.31 28.66 -27.88
CA ASN A 546 -8.47 27.67 -27.23
C ASN A 546 -7.30 28.30 -26.51
N VAL A 547 -7.36 29.60 -26.20
CA VAL A 547 -6.27 30.31 -25.53
C VAL A 547 -6.68 30.58 -24.09
N ILE A 548 -5.95 29.95 -23.17
CA ILE A 548 -6.20 30.02 -21.73
C ILE A 548 -5.29 31.08 -21.16
N PRO A 549 -5.80 32.19 -20.63
CA PRO A 549 -4.95 33.13 -19.90
C PRO A 549 -4.45 32.49 -18.62
N ILE A 550 -3.20 32.78 -18.31
CA ILE A 550 -2.57 32.36 -17.07
C ILE A 550 -2.53 33.56 -16.14
N ILE A 551 -3.21 33.47 -15.01
CA ILE A 551 -3.13 34.52 -14.01
C ILE A 551 -1.77 34.46 -13.32
N GLU A 552 -1.40 35.58 -12.70
CA GLU A 552 -0.16 35.67 -11.96
C GLU A 552 -0.21 34.71 -10.77
N PHE A 553 0.90 33.98 -10.58
CA PHE A 553 1.08 33.08 -9.45
C PHE A 553 2.56 33.05 -9.12
N GLU A 554 2.85 32.66 -7.89
CA GLU A 554 4.21 32.71 -7.36
C GLU A 554 5.03 31.48 -7.72
N ARG A 555 4.54 30.31 -7.34
CA ARG A 555 5.25 29.04 -7.48
C ARG A 555 4.57 28.12 -8.48
N ASP A 556 3.31 27.78 -8.25
CA ASP A 556 2.60 26.82 -9.09
C ASP A 556 1.11 27.07 -8.93
N LEU A 557 0.34 26.56 -9.89
CA LEU A 557 -1.08 26.87 -10.05
C LEU A 557 -1.72 25.71 -10.78
N ALA A 558 -2.93 25.33 -10.39
CA ALA A 558 -3.64 24.27 -11.09
C ALA A 558 -4.79 24.86 -11.89
N ILE A 559 -5.09 24.25 -13.03
CA ILE A 559 -6.20 24.68 -13.88
C ILE A 559 -7.01 23.46 -14.28
N LYS A 560 -8.34 23.55 -14.10
CA LYS A 560 -9.28 22.51 -14.50
C LYS A 560 -10.12 23.07 -15.65
N ILE A 561 -10.03 22.43 -16.81
CA ILE A 561 -10.74 22.86 -18.01
C ILE A 561 -11.82 21.83 -18.32
N GLU A 562 -13.04 22.32 -18.53
CA GLU A 562 -14.18 21.47 -18.89
C GLU A 562 -14.62 21.80 -20.31
N LEU A 563 -14.58 20.79 -21.17
CA LEU A 563 -15.09 20.94 -22.53
C LEU A 563 -16.61 20.91 -22.50
N LEU A 564 -17.24 21.92 -23.08
CA LEU A 564 -18.70 22.05 -23.00
C LEU A 564 -19.42 21.61 -24.27
C1 GOL B . -15.05 -32.92 20.45
O1 GOL B . -15.71 -31.71 20.17
C2 GOL B . -15.41 -33.83 19.28
O2 GOL B . -15.17 -35.16 19.59
C3 GOL B . -14.55 -33.34 18.10
O3 GOL B . -13.25 -33.11 18.57
H11 GOL B . -14.08 -32.82 20.52
H12 GOL B . -15.34 -33.32 21.29
HO1 GOL B . -15.84 -31.34 20.89
H2 GOL B . -16.35 -33.75 19.06
HO2 GOL B . -15.51 -35.63 18.97
H31 GOL B . -14.59 -34.02 17.39
H32 GOL B . -14.97 -32.56 17.71
HO3 GOL B . -12.72 -33.13 17.89
#